data_3I6C
#
_entry.id   3I6C
#
_cell.length_a   117.967
_cell.length_b   36.648
_cell.length_c   51.293
_cell.angle_alpha   90.00
_cell.angle_beta   100.99
_cell.angle_gamma   90.00
#
_symmetry.space_group_name_H-M   'C 1 2 1'
#
loop_
_entity.id
_entity.type
_entity.pdbx_description
1 polymer 'Peptidyl-prolyl cis-trans isomerase NIMA-interacting 1'
2 non-polymer 3-fluoro-N-(naphthalen-2-ylcarbonyl)-D-phenylalanine
3 water water
#
_entity_poly.entity_id   1
_entity_poly.type   'polypeptide(L)'
_entity_poly.pdbx_seq_one_letter_code
;GSHMGKNGQGEPARVRCSHLLVKHSQSRRPSSWRQEQITRTQEEALELINGYIQKIKSGEEDFESLASQFSDCSSAKARG
DLGAFSRGQMQKPFEDASFALRTGEMSGPVFTDSGIHIILRTE
;
_entity_poly.pdbx_strand_id   A,B
#
# COMPACT_ATOMS: atom_id res chain seq x y z
N GLU A 11 -3.74 -8.04 -2.46
CA GLU A 11 -3.79 -6.76 -3.16
C GLU A 11 -3.52 -7.04 -4.63
N PRO A 12 -4.29 -6.42 -5.50
CA PRO A 12 -4.06 -6.63 -6.94
C PRO A 12 -2.77 -5.90 -7.30
N ALA A 13 -2.16 -6.29 -8.40
CA ALA A 13 -1.00 -5.57 -8.89
C ALA A 13 -1.32 -4.10 -9.23
N ARG A 14 -2.53 -3.84 -9.73
CA ARG A 14 -2.89 -2.51 -10.15
C ARG A 14 -4.36 -2.25 -9.79
N VAL A 15 -4.66 -0.97 -9.61
CA VAL A 15 -6.08 -0.61 -9.45
C VAL A 15 -6.37 0.41 -10.56
N ARG A 16 -7.64 0.53 -10.86
CA ARG A 16 -8.14 1.61 -11.74
C ARG A 16 -8.94 2.56 -10.89
N CYS A 17 -8.66 3.86 -10.99
CA CYS A 17 -9.41 4.83 -10.22
C CYS A 17 -9.77 6.03 -11.08
N SER A 18 -10.84 6.69 -10.68
CA SER A 18 -11.17 8.05 -11.12
C SER A 18 -10.92 8.98 -9.96
N HIS A 19 -10.71 10.27 -10.24
CA HIS A 19 -10.54 11.19 -9.13
C HIS A 19 -11.06 12.57 -9.54
N LEU A 20 -11.27 13.38 -8.53
CA LEU A 20 -11.63 14.80 -8.67
C LEU A 20 -10.55 15.53 -7.85
N LEU A 21 -9.77 16.37 -8.53
CA LEU A 21 -8.72 17.17 -7.90
C LEU A 21 -9.20 18.61 -7.71
N VAL A 22 -9.02 19.17 -6.51
CA VAL A 22 -9.23 20.62 -6.32
C VAL A 22 -7.87 21.17 -5.90
N LYS A 23 -7.26 21.97 -6.78
CA LYS A 23 -6.00 22.64 -6.48
C LYS A 23 -6.23 23.86 -5.60
N HIS A 24 -5.13 24.37 -5.07
CA HIS A 24 -5.18 25.63 -4.33
C HIS A 24 -3.92 26.42 -4.66
N SER A 25 -3.86 27.64 -4.12
CA SER A 25 -2.76 28.54 -4.55
C SER A 25 -1.40 28.12 -4.07
N GLN A 26 -1.31 27.11 -3.20
CA GLN A 26 -0.02 26.59 -2.75
C GLN A 26 0.26 25.21 -3.31
N SER A 27 -0.53 24.78 -4.28
CA SER A 27 -0.31 23.52 -4.97
C SER A 27 1.00 23.53 -5.74
N ARG A 28 1.49 22.35 -6.08
CA ARG A 28 2.75 22.30 -6.82
C ARG A 28 2.68 23.09 -8.12
N ARG A 29 1.56 23.01 -8.83
CA ARG A 29 1.37 23.60 -10.16
C ARG A 29 0.02 24.31 -10.10
N PRO A 30 0.03 25.53 -9.57
CA PRO A 30 -1.27 26.20 -9.34
C PRO A 30 -1.83 26.84 -10.59
N SER A 31 -2.09 25.97 -11.57
CA SER A 31 -2.83 26.34 -12.77
C SER A 31 -3.51 25.08 -13.25
N SER A 32 -4.55 25.23 -14.05
CA SER A 32 -5.18 24.01 -14.58
C SER A 32 -5.92 24.39 -15.84
N TRP A 33 -6.47 23.38 -16.49
CA TRP A 33 -7.29 23.68 -17.67
C TRP A 33 -8.48 24.59 -17.31
N ARG A 34 -8.93 24.66 -16.03
CA ARG A 34 -10.09 25.42 -15.61
C ARG A 34 -9.82 26.89 -15.40
N GLN A 35 -8.61 27.19 -14.95
CA GLN A 35 -8.25 28.51 -14.52
C GLN A 35 -6.77 28.75 -14.81
N GLU A 36 -6.51 29.93 -15.40
CA GLU A 36 -5.09 30.19 -15.67
C GLU A 36 -4.26 30.27 -14.40
N GLN A 37 -4.84 30.77 -13.30
CA GLN A 37 -4.13 30.74 -12.02
C GLN A 37 -5.09 30.26 -10.96
N ILE A 38 -4.63 29.25 -10.20
CA ILE A 38 -5.47 28.80 -9.09
C ILE A 38 -5.37 29.79 -7.92
N THR A 39 -6.49 30.43 -7.61
CA THR A 39 -6.49 31.51 -6.62
C THR A 39 -7.09 31.08 -5.30
N ARG A 40 -7.82 29.97 -5.26
CA ARG A 40 -8.49 29.63 -3.99
C ARG A 40 -7.48 29.22 -2.94
N THR A 41 -7.88 29.42 -1.67
CA THR A 41 -7.03 29.04 -0.55
C THR A 41 -7.14 27.54 -0.27
N GLN A 42 -6.16 27.05 0.49
CA GLN A 42 -6.21 25.62 0.86
C GLN A 42 -7.52 25.31 1.58
N GLU A 43 -7.90 26.30 2.44
CA GLU A 43 -9.11 26.13 3.20
C GLU A 43 -10.33 26.02 2.29
N GLU A 44 -10.42 26.88 1.29
CA GLU A 44 -11.52 26.84 0.34
C GLU A 44 -11.51 25.55 -0.47
N ALA A 45 -10.31 25.08 -0.84
CA ALA A 45 -10.25 23.81 -1.59
C ALA A 45 -10.83 22.67 -0.78
N LEU A 46 -10.52 22.61 0.50
CA LEU A 46 -11.06 21.51 1.32
C LEU A 46 -12.54 21.69 1.50
N GLU A 47 -13.03 22.93 1.64
CA GLU A 47 -14.48 23.17 1.71
C GLU A 47 -15.18 22.66 0.47
N LEU A 48 -14.56 22.92 -0.68
CA LEU A 48 -15.17 22.41 -1.93
C LEU A 48 -15.17 20.89 -1.97
N ILE A 49 -14.06 20.28 -1.62
CA ILE A 49 -13.96 18.80 -1.60
C ILE A 49 -15.05 18.27 -0.68
N ASN A 50 -15.20 18.80 0.53
CA ASN A 50 -16.20 18.26 1.45
C ASN A 50 -17.58 18.50 0.92
N GLY A 51 -17.83 19.60 0.20
CA GLY A 51 -19.17 19.82 -0.35
C GLY A 51 -19.40 18.85 -1.50
N TYR A 52 -18.40 18.53 -2.33
CA TYR A 52 -18.60 17.48 -3.33
C TYR A 52 -18.90 16.13 -2.68
N ILE A 53 -18.14 15.77 -1.63
CA ILE A 53 -18.42 14.51 -0.94
C ILE A 53 -19.88 14.48 -0.48
N GLN A 54 -20.36 15.56 0.10
CA GLN A 54 -21.74 15.58 0.62
C GLN A 54 -22.77 15.45 -0.50
N LYS A 55 -22.52 16.09 -1.64
CA LYS A 55 -23.47 15.96 -2.75
C LYS A 55 -23.46 14.57 -3.36
N ILE A 56 -22.31 13.90 -3.40
CA ILE A 56 -22.25 12.52 -3.90
C ILE A 56 -22.90 11.59 -2.90
N LYS A 57 -22.73 11.86 -1.60
CA LYS A 57 -23.38 10.96 -0.63
C LYS A 57 -24.89 11.14 -0.68
N SER A 58 -25.39 12.36 -0.87
CA SER A 58 -26.85 12.56 -0.86
C SER A 58 -27.50 12.04 -2.15
N GLY A 59 -26.70 11.89 -3.19
CA GLY A 59 -27.20 11.49 -4.50
C GLY A 59 -27.43 12.65 -5.45
N GLU A 60 -27.25 13.87 -4.97
CA GLU A 60 -27.44 15.08 -5.79
C GLU A 60 -26.51 15.14 -6.99
N GLU A 61 -25.28 14.65 -6.78
CA GLU A 61 -24.35 14.68 -7.89
C GLU A 61 -23.76 13.30 -8.09
N ASP A 62 -23.38 13.03 -9.31
CA ASP A 62 -22.62 11.83 -9.71
C ASP A 62 -21.13 12.09 -9.72
N PHE A 63 -20.31 11.22 -9.14
CA PHE A 63 -18.86 11.39 -9.09
C PHE A 63 -18.25 11.78 -10.42
N GLU A 64 -18.39 10.93 -11.46
CA GLU A 64 -17.66 11.20 -12.70
C GLU A 64 -18.26 12.39 -13.44
N SER A 65 -19.54 12.68 -13.30
CA SER A 65 -20.13 13.88 -13.91
C SER A 65 -19.51 15.12 -13.25
N LEU A 66 -19.37 15.13 -11.93
CA LEU A 66 -18.70 16.26 -11.27
C LEU A 66 -17.25 16.37 -11.70
N ALA A 67 -16.54 15.24 -11.74
CA ALA A 67 -15.10 15.29 -12.11
C ALA A 67 -14.94 15.86 -13.51
N SER A 68 -15.87 15.51 -14.43
CA SER A 68 -15.69 15.93 -15.82
C SER A 68 -15.70 17.46 -15.96
N GLN A 69 -16.36 18.17 -15.06
CA GLN A 69 -16.42 19.64 -15.22
C GLN A 69 -15.72 20.41 -14.13
N PHE A 70 -15.41 19.80 -12.99
CA PHE A 70 -14.88 20.54 -11.86
C PHE A 70 -13.54 20.03 -11.39
N SER A 71 -13.01 18.95 -11.93
CA SER A 71 -11.65 18.53 -11.52
C SER A 71 -10.57 19.41 -12.16
N ASP A 72 -9.58 19.81 -11.38
CA ASP A 72 -8.44 20.56 -11.91
C ASP A 72 -7.43 19.67 -12.59
N CYS A 73 -7.61 18.34 -12.59
CA CYS A 73 -6.72 17.46 -13.33
C CYS A 73 -7.17 17.33 -14.78
N SER A 74 -6.24 17.22 -15.70
CA SER A 74 -6.59 17.02 -17.11
C SER A 74 -7.39 15.74 -17.32
N SER A 75 -7.36 14.79 -16.37
CA SER A 75 -8.22 13.62 -16.45
C SER A 75 -9.71 13.98 -16.41
N ALA A 76 -10.07 15.23 -16.13
CA ALA A 76 -11.48 15.63 -16.27
C ALA A 76 -12.01 15.29 -17.66
N LYS A 77 -11.16 15.33 -18.69
CA LYS A 77 -11.60 14.99 -20.04
C LYS A 77 -12.07 13.55 -20.19
N ALA A 78 -11.59 12.67 -19.33
CA ALA A 78 -11.94 11.27 -19.29
C ALA A 78 -12.89 11.01 -18.12
N ARG A 79 -13.63 12.04 -17.73
CA ARG A 79 -14.58 11.98 -16.62
C ARG A 79 -13.91 11.51 -15.33
N GLY A 80 -12.68 11.92 -15.15
CA GLY A 80 -11.92 11.67 -13.95
C GLY A 80 -11.08 10.41 -13.98
N ASP A 81 -11.23 9.57 -15.02
CA ASP A 81 -10.50 8.30 -15.05
C ASP A 81 -9.01 8.49 -15.27
N LEU A 82 -8.22 7.85 -14.39
CA LEU A 82 -6.76 7.82 -14.50
C LEU A 82 -6.26 6.56 -15.13
N GLY A 83 -7.15 5.59 -15.39
CA GLY A 83 -6.66 4.28 -15.84
C GLY A 83 -6.08 3.51 -14.68
N ALA A 84 -5.43 2.40 -15.07
CA ALA A 84 -4.81 1.54 -14.08
C ALA A 84 -3.43 2.03 -13.70
N PHE A 85 -3.06 1.75 -12.43
CA PHE A 85 -1.67 2.07 -12.03
C PHE A 85 -1.23 1.11 -10.95
N SER A 86 0.08 0.91 -10.90
CA SER A 86 0.68 0.07 -9.88
C SER A 86 1.18 0.96 -8.74
N ARG A 87 1.70 0.29 -7.72
CA ARG A 87 2.43 1.05 -6.71
C ARG A 87 3.69 1.61 -7.34
N GLY A 88 4.19 2.71 -6.75
CA GLY A 88 5.43 3.36 -7.11
C GLY A 88 5.31 4.32 -8.28
N GLN A 89 4.06 4.68 -8.63
CA GLN A 89 3.83 5.54 -9.78
C GLN A 89 3.26 6.87 -9.36
N MET A 90 2.14 6.88 -8.64
CA MET A 90 1.45 8.09 -8.25
C MET A 90 2.09 8.63 -6.98
N GLN A 91 1.74 9.83 -6.57
CA GLN A 91 2.22 10.31 -5.29
C GLN A 91 1.80 9.36 -4.18
N LYS A 92 2.67 9.18 -3.19
CA LYS A 92 2.42 8.16 -2.18
C LYS A 92 1.07 8.33 -1.47
N PRO A 93 0.61 9.49 -1.02
CA PRO A 93 -0.70 9.53 -0.36
C PRO A 93 -1.86 9.12 -1.26
N PHE A 94 -1.72 9.44 -2.54
CA PHE A 94 -2.74 9.05 -3.50
C PHE A 94 -2.76 7.55 -3.68
N GLU A 95 -1.57 6.98 -3.85
CA GLU A 95 -1.44 5.54 -4.00
C GLU A 95 -2.03 4.82 -2.80
N ASP A 96 -1.63 5.22 -1.59
CA ASP A 96 -2.08 4.48 -0.41
C ASP A 96 -3.59 4.56 -0.30
N ALA A 97 -4.18 5.74 -0.57
CA ALA A 97 -5.62 5.81 -0.48
C ALA A 97 -6.29 4.90 -1.51
N SER A 98 -5.76 4.88 -2.71
CA SER A 98 -6.38 4.16 -3.82
C SER A 98 -6.38 2.67 -3.54
N PHE A 99 -5.23 2.18 -3.05
CA PHE A 99 -5.10 0.74 -2.86
C PHE A 99 -5.92 0.27 -1.66
N ALA A 100 -6.25 1.19 -0.76
CA ALA A 100 -7.04 0.84 0.42
C ALA A 100 -8.52 0.80 0.13
N LEU A 101 -8.96 1.30 -1.03
CA LEU A 101 -10.37 1.25 -1.39
C LEU A 101 -10.79 -0.11 -1.92
N ARG A 102 -12.05 -0.46 -1.66
CA ARG A 102 -12.64 -1.55 -2.41
C ARG A 102 -13.19 -1.00 -3.72
N THR A 103 -13.35 -1.87 -4.72
N THR A 103 -13.36 -1.88 -4.70
CA THR A 103 -13.97 -1.41 -5.97
CA THR A 103 -14.02 -1.47 -5.95
C THR A 103 -15.38 -0.88 -5.69
C THR A 103 -15.39 -0.87 -5.67
N GLY A 104 -15.70 0.30 -6.21
CA GLY A 104 -16.99 0.91 -5.96
C GLY A 104 -16.94 1.86 -4.78
N GLU A 105 -15.82 1.96 -4.05
CA GLU A 105 -15.74 2.80 -2.88
C GLU A 105 -15.08 4.15 -3.22
N MET A 106 -15.52 5.18 -2.50
CA MET A 106 -14.96 6.52 -2.64
C MET A 106 -14.19 6.89 -1.38
N SER A 107 -13.08 7.57 -1.55
CA SER A 107 -12.26 8.04 -0.43
C SER A 107 -12.87 9.26 0.20
N GLY A 108 -12.37 9.65 1.38
CA GLY A 108 -12.52 11.00 1.87
C GLY A 108 -11.43 11.87 1.23
N PRO A 109 -11.20 13.06 1.81
CA PRO A 109 -10.16 13.96 1.26
C PRO A 109 -8.80 13.29 1.30
N VAL A 110 -8.08 13.39 0.18
CA VAL A 110 -6.71 12.85 0.07
C VAL A 110 -5.78 13.98 -0.33
N PHE A 111 -4.70 14.21 0.42
CA PHE A 111 -3.83 15.35 0.21
C PHE A 111 -2.55 14.95 -0.46
N THR A 112 -2.23 15.63 -1.57
CA THR A 112 -0.96 15.45 -2.23
C THR A 112 -0.35 16.82 -2.49
N ASP A 113 0.89 16.81 -2.99
CA ASP A 113 1.46 18.09 -3.42
C ASP A 113 0.66 18.74 -4.52
N SER A 114 -0.11 17.96 -5.29
CA SER A 114 -0.93 18.57 -6.35
C SER A 114 -2.16 19.33 -5.85
N GLY A 115 -2.68 18.95 -4.69
CA GLY A 115 -3.90 19.52 -4.19
C GLY A 115 -4.68 18.50 -3.37
N ILE A 116 -6.01 18.62 -3.36
CA ILE A 116 -6.85 17.75 -2.56
C ILE A 116 -7.72 16.93 -3.49
N HIS A 117 -7.80 15.63 -3.23
CA HIS A 117 -8.51 14.76 -4.15
C HIS A 117 -9.64 14.04 -3.43
N ILE A 118 -10.63 13.63 -4.20
CA ILE A 118 -11.47 12.49 -3.83
C ILE A 118 -11.28 11.41 -4.91
N ILE A 119 -11.24 10.18 -4.49
CA ILE A 119 -10.88 9.04 -5.37
C ILE A 119 -11.99 8.03 -5.37
N LEU A 120 -12.34 7.49 -6.54
CA LEU A 120 -13.32 6.45 -6.69
C LEU A 120 -12.60 5.26 -7.31
N ARG A 121 -12.49 4.12 -6.62
CA ARG A 121 -11.86 2.97 -7.27
C ARG A 121 -12.87 2.23 -8.13
N THR A 122 -12.51 1.99 -9.37
CA THR A 122 -13.43 1.37 -10.33
C THR A 122 -13.05 -0.06 -10.67
N GLU A 123 -11.79 -0.44 -10.53
CA GLU A 123 -11.34 -1.82 -10.79
C GLU A 123 -10.19 -2.14 -9.83
N GLU B 11 -7.69 -27.12 11.20
CA GLU B 11 -7.38 -27.96 10.09
C GLU B 11 -7.69 -27.43 8.70
N PRO B 12 -7.49 -26.17 8.36
CA PRO B 12 -7.67 -25.81 6.95
C PRO B 12 -6.59 -26.51 6.10
N ALA B 13 -7.05 -26.83 4.90
CA ALA B 13 -6.14 -27.36 3.88
C ALA B 13 -4.99 -26.43 3.59
N ARG B 14 -5.29 -25.14 3.63
CA ARG B 14 -4.22 -24.17 3.42
C ARG B 14 -4.32 -23.05 4.46
N VAL B 15 -3.21 -22.38 4.76
CA VAL B 15 -3.19 -21.05 5.32
C VAL B 15 -2.57 -20.12 4.28
N ARG B 16 -2.83 -18.82 4.39
CA ARG B 16 -2.12 -17.86 3.57
C ARG B 16 -1.30 -16.97 4.49
N CYS B 17 -0.04 -16.67 4.14
CA CYS B 17 0.79 -15.85 4.98
C CYS B 17 1.55 -14.84 4.12
N SER B 18 1.82 -13.70 4.74
CA SER B 18 2.88 -12.81 4.31
C SER B 18 4.05 -12.95 5.28
N HIS B 19 5.24 -12.61 4.81
CA HIS B 19 6.35 -12.58 5.80
C HIS B 19 7.36 -11.51 5.38
N LEU B 20 8.18 -11.22 6.35
CA LEU B 20 9.37 -10.37 6.17
C LEU B 20 10.54 -11.22 6.64
N LEU B 21 11.49 -11.49 5.77
CA LEU B 21 12.67 -12.28 6.05
C LEU B 21 13.92 -11.41 6.11
N VAL B 22 14.70 -11.58 7.19
CA VAL B 22 16.01 -10.97 7.21
C VAL B 22 17.01 -12.12 7.22
N LYS B 23 17.78 -12.24 6.13
CA LYS B 23 18.78 -13.32 6.07
C LYS B 23 20.01 -12.97 6.86
N HIS B 24 20.86 -13.97 7.16
CA HIS B 24 22.20 -13.68 7.65
C HIS B 24 23.19 -14.55 6.89
N SER B 25 24.47 -14.40 7.26
CA SER B 25 25.51 -15.02 6.41
C SER B 25 25.50 -16.54 6.44
N GLN B 26 24.86 -17.13 7.43
CA GLN B 26 24.81 -18.58 7.52
C GLN B 26 23.46 -19.11 7.06
N SER B 27 22.64 -18.23 6.52
CA SER B 27 21.38 -18.70 5.93
C SER B 27 21.59 -19.58 4.71
N ARG B 28 20.61 -20.38 4.32
CA ARG B 28 20.79 -21.35 3.24
C ARG B 28 21.23 -20.74 1.93
N ARG B 29 20.71 -19.59 1.57
CA ARG B 29 21.05 -18.86 0.36
C ARG B 29 21.37 -17.42 0.78
N PRO B 30 22.61 -17.12 1.12
CA PRO B 30 22.93 -15.78 1.65
C PRO B 30 23.13 -14.72 0.58
N SER B 31 22.04 -14.51 -0.15
N SER B 31 22.03 -14.49 -0.12
CA SER B 31 21.90 -13.62 -1.28
CA SER B 31 21.93 -13.50 -1.17
C SER B 31 20.44 -13.16 -1.42
C SER B 31 20.45 -13.13 -1.36
N SER B 32 20.17 -11.98 -1.93
CA SER B 32 18.78 -11.60 -2.17
C SER B 32 18.75 -10.52 -3.25
N TRP B 33 17.54 -10.10 -3.58
CA TRP B 33 17.44 -8.94 -4.47
C TRP B 33 18.06 -7.67 -3.88
N ARG B 34 18.24 -7.59 -2.56
CA ARG B 34 18.87 -6.41 -1.96
C ARG B 34 20.37 -6.42 -2.08
N GLN B 35 21.03 -7.56 -2.00
CA GLN B 35 22.48 -7.66 -1.91
C GLN B 35 23.00 -8.97 -2.48
N GLU B 36 24.06 -8.92 -3.24
CA GLU B 36 24.57 -10.14 -3.82
C GLU B 36 25.12 -11.07 -2.75
N GLN B 37 25.65 -10.48 -1.69
CA GLN B 37 26.22 -11.25 -0.59
C GLN B 37 25.62 -10.67 0.66
N ILE B 38 24.94 -11.51 1.42
CA ILE B 38 24.45 -11.05 2.74
C ILE B 38 25.52 -11.35 3.76
N THR B 39 26.03 -10.31 4.37
CA THR B 39 27.19 -10.46 5.26
C THR B 39 26.80 -10.29 6.72
N ARG B 40 25.60 -9.86 7.07
CA ARG B 40 25.26 -9.68 8.49
C ARG B 40 25.20 -10.95 9.29
N THR B 41 25.36 -10.84 10.60
CA THR B 41 25.21 -11.98 11.49
C THR B 41 23.78 -12.21 11.94
N GLN B 42 23.52 -13.37 12.58
CA GLN B 42 22.17 -13.64 13.10
C GLN B 42 21.76 -12.57 14.10
N GLU B 43 22.68 -12.14 14.98
CA GLU B 43 22.39 -11.08 15.92
C GLU B 43 21.93 -9.82 15.22
N GLU B 44 22.63 -9.46 14.15
CA GLU B 44 22.29 -8.25 13.42
C GLU B 44 20.93 -8.44 12.75
N ALA B 45 20.68 -9.63 12.21
CA ALA B 45 19.37 -9.86 11.59
C ALA B 45 18.28 -9.72 12.63
N LEU B 46 18.52 -10.17 13.87
CA LEU B 46 17.48 -10.06 14.93
C LEU B 46 17.24 -8.59 15.27
N GLU B 47 18.29 -7.79 15.38
CA GLU B 47 18.14 -6.35 15.68
C GLU B 47 17.24 -5.69 14.64
N LEU B 48 17.52 -6.06 13.36
CA LEU B 48 16.69 -5.51 12.28
C LEU B 48 15.24 -5.93 12.41
N ILE B 49 15.02 -7.22 12.62
CA ILE B 49 13.64 -7.73 12.77
C ILE B 49 12.94 -7.05 13.91
N ASN B 50 13.63 -6.91 15.05
CA ASN B 50 12.99 -6.25 16.18
C ASN B 50 12.61 -4.81 15.87
N GLY B 51 13.49 -4.08 15.19
CA GLY B 51 13.12 -2.71 14.81
C GLY B 51 11.91 -2.70 13.90
N TYR B 52 11.81 -3.67 12.98
CA TYR B 52 10.62 -3.77 12.14
C TYR B 52 9.40 -4.10 12.99
N ILE B 53 9.56 -5.05 13.91
CA ILE B 53 8.36 -5.33 14.72
C ILE B 53 7.87 -4.12 15.48
N GLN B 54 8.81 -3.36 16.03
CA GLN B 54 8.43 -2.19 16.78
C GLN B 54 7.73 -1.17 15.89
N LYS B 55 8.18 -0.98 14.66
CA LYS B 55 7.47 0.00 13.83
C LYS B 55 6.07 -0.49 13.52
N ILE B 56 5.92 -1.80 13.35
CA ILE B 56 4.55 -2.30 13.01
C ILE B 56 3.67 -2.12 14.23
N LYS B 57 4.17 -2.56 15.39
CA LYS B 57 3.34 -2.53 16.59
C LYS B 57 2.84 -1.14 16.92
N SER B 58 3.69 -0.15 16.71
CA SER B 58 3.36 1.20 17.18
C SER B 58 2.61 1.93 16.07
N GLY B 59 2.43 1.21 14.98
CA GLY B 59 1.71 1.78 13.87
C GLY B 59 2.53 2.80 13.10
N GLU B 60 3.85 2.88 13.36
CA GLU B 60 4.60 3.82 12.51
C GLU B 60 4.60 3.37 11.05
N GLU B 61 4.67 2.09 10.75
CA GLU B 61 4.77 1.49 9.44
C GLU B 61 3.87 0.25 9.34
N ASP B 62 3.39 -0.06 8.15
CA ASP B 62 2.59 -1.25 7.92
C ASP B 62 3.46 -2.46 7.61
N PHE B 63 3.02 -3.65 8.01
CA PHE B 63 3.78 -4.88 7.74
C PHE B 63 4.18 -4.98 6.28
N GLU B 64 3.20 -4.80 5.41
CA GLU B 64 3.38 -4.94 3.96
C GLU B 64 4.37 -3.96 3.36
N SER B 65 4.31 -2.71 3.84
CA SER B 65 5.30 -1.76 3.38
C SER B 65 6.72 -2.12 3.81
N LEU B 66 6.87 -2.50 5.08
CA LEU B 66 8.21 -2.95 5.48
C LEU B 66 8.68 -4.17 4.72
N ALA B 67 7.78 -5.12 4.44
CA ALA B 67 8.18 -6.29 3.69
C ALA B 67 8.62 -5.92 2.30
N SER B 68 7.90 -5.00 1.66
N SER B 68 7.93 -5.03 1.59
CA SER B 68 8.23 -4.62 0.28
CA SER B 68 8.36 -4.73 0.21
C SER B 68 9.59 -3.96 0.26
C SER B 68 9.69 -3.99 0.25
N GLN B 69 9.98 -3.26 1.33
CA GLN B 69 11.25 -2.51 1.30
C GLN B 69 12.46 -3.32 1.79
N PHE B 70 12.20 -4.20 2.74
CA PHE B 70 13.31 -4.76 3.51
C PHE B 70 13.35 -6.27 3.55
N SER B 71 12.35 -6.98 3.05
CA SER B 71 12.45 -8.43 3.14
C SER B 71 13.47 -8.97 2.14
N ASP B 72 14.30 -9.89 2.55
CA ASP B 72 15.29 -10.58 1.72
C ASP B 72 14.67 -11.69 0.92
N CYS B 73 13.39 -11.95 1.05
CA CYS B 73 12.77 -12.97 0.19
C CYS B 73 12.29 -12.32 -1.10
N SER B 74 12.27 -13.00 -2.21
CA SER B 74 11.73 -12.37 -3.43
C SER B 74 10.24 -12.09 -3.32
N SER B 75 9.55 -12.61 -2.32
CA SER B 75 8.15 -12.23 -2.08
C SER B 75 8.02 -10.78 -1.65
N ALA B 76 9.13 -10.09 -1.40
CA ALA B 76 9.08 -8.64 -1.20
C ALA B 76 8.31 -7.92 -2.31
N LYS B 77 8.43 -8.47 -3.51
CA LYS B 77 7.81 -7.87 -4.68
C LYS B 77 6.29 -7.96 -4.60
N ALA B 78 5.80 -8.96 -3.90
CA ALA B 78 4.39 -9.10 -3.60
C ALA B 78 4.06 -8.57 -2.20
N ARG B 79 4.83 -7.61 -1.70
CA ARG B 79 4.61 -7.05 -0.37
C ARG B 79 4.52 -8.13 0.70
N GLY B 80 5.31 -9.18 0.49
CA GLY B 80 5.50 -10.22 1.46
C GLY B 80 4.64 -11.43 1.28
N ASP B 81 3.66 -11.37 0.34
CA ASP B 81 2.67 -12.41 0.24
C ASP B 81 3.31 -13.65 -0.35
N LEU B 82 3.16 -14.79 0.31
CA LEU B 82 3.64 -16.04 -0.24
C LEU B 82 2.54 -16.82 -0.93
N GLY B 83 1.29 -16.31 -0.89
CA GLY B 83 0.17 -17.10 -1.33
C GLY B 83 -0.25 -18.15 -0.32
N ALA B 84 -1.27 -18.92 -0.68
CA ALA B 84 -1.81 -19.97 0.19
C ALA B 84 -0.97 -21.22 0.07
N PHE B 85 -0.74 -21.92 1.16
CA PHE B 85 0.04 -23.14 1.01
C PHE B 85 -0.56 -24.18 1.97
N SER B 86 -0.36 -25.41 1.53
CA SER B 86 -0.78 -26.53 2.35
C SER B 86 0.41 -27.04 3.16
N ARG B 87 0.19 -27.98 4.08
CA ARG B 87 1.36 -28.61 4.71
C ARG B 87 2.17 -29.44 3.72
N GLY B 88 3.48 -29.28 3.78
CA GLY B 88 4.47 -29.85 2.91
C GLY B 88 4.93 -28.91 1.83
N GLN B 89 4.32 -27.74 1.63
CA GLN B 89 4.76 -26.88 0.54
C GLN B 89 6.01 -26.08 0.96
N MET B 90 6.03 -25.67 2.22
CA MET B 90 7.10 -24.87 2.79
C MET B 90 8.01 -25.71 3.68
N GLN B 91 9.12 -25.12 4.11
CA GLN B 91 10.07 -25.67 5.06
C GLN B 91 9.42 -25.89 6.41
N LYS B 92 9.70 -27.00 7.09
CA LYS B 92 8.87 -27.32 8.24
C LYS B 92 8.84 -26.28 9.34
N PRO B 93 9.93 -25.75 9.85
CA PRO B 93 9.81 -24.72 10.89
C PRO B 93 8.99 -23.51 10.46
N PHE B 94 9.06 -23.08 9.20
CA PHE B 94 8.17 -21.98 8.78
C PHE B 94 6.71 -22.44 8.80
N GLU B 95 6.44 -23.60 8.19
CA GLU B 95 5.08 -24.11 8.02
C GLU B 95 4.46 -24.18 9.39
N ASP B 96 5.27 -24.69 10.34
CA ASP B 96 4.72 -24.89 11.67
C ASP B 96 4.32 -23.55 12.26
N ALA B 97 5.23 -22.57 12.26
CA ALA B 97 4.96 -21.25 12.83
C ALA B 97 3.72 -20.66 12.18
N SER B 98 3.57 -20.88 10.88
CA SER B 98 2.48 -20.30 10.12
C SER B 98 1.14 -20.91 10.56
N PHE B 99 1.09 -22.24 10.62
CA PHE B 99 -0.18 -22.86 10.95
C PHE B 99 -0.54 -22.61 12.41
N ALA B 100 0.39 -22.21 13.25
CA ALA B 100 0.15 -21.98 14.67
C ALA B 100 -0.37 -20.57 14.94
N LEU B 101 -0.32 -19.71 13.95
CA LEU B 101 -0.98 -18.38 14.09
C LEU B 101 -2.47 -18.51 13.84
N ARG B 102 -3.26 -17.70 14.56
CA ARG B 102 -4.67 -17.52 14.23
C ARG B 102 -4.75 -16.55 13.07
N THR B 103 -5.85 -16.53 12.36
CA THR B 103 -5.96 -15.61 11.22
C THR B 103 -5.82 -14.18 11.72
N GLY B 104 -4.98 -13.41 11.03
CA GLY B 104 -4.78 -12.01 11.36
C GLY B 104 -3.66 -11.81 12.36
N GLU B 105 -3.07 -12.86 12.90
CA GLU B 105 -2.02 -12.72 13.92
C GLU B 105 -0.65 -12.61 13.25
N MET B 106 0.21 -11.82 13.87
CA MET B 106 1.60 -11.70 13.50
C MET B 106 2.54 -12.36 14.51
N SER B 107 3.52 -13.09 14.01
CA SER B 107 4.44 -13.83 14.86
C SER B 107 5.49 -12.90 15.46
N GLY B 108 6.16 -13.38 16.49
CA GLY B 108 7.42 -12.77 16.91
C GLY B 108 8.52 -13.20 15.95
N PRO B 109 9.79 -12.97 16.27
CA PRO B 109 10.87 -13.51 15.43
C PRO B 109 10.80 -15.02 15.36
N VAL B 110 10.92 -15.53 14.14
CA VAL B 110 10.92 -16.95 13.83
C VAL B 110 12.27 -17.27 13.22
N PHE B 111 13.01 -18.13 13.89
CA PHE B 111 14.36 -18.48 13.48
C PHE B 111 14.30 -19.76 12.65
N THR B 112 14.79 -19.66 11.41
CA THR B 112 14.83 -20.78 10.49
C THR B 112 16.19 -20.88 9.78
N ASP B 113 16.37 -21.92 8.96
CA ASP B 113 17.58 -22.08 8.15
C ASP B 113 17.62 -21.00 7.08
N SER B 114 16.54 -20.26 6.87
CA SER B 114 16.58 -19.20 5.87
C SER B 114 16.94 -17.84 6.42
N GLY B 115 16.83 -17.66 7.74
CA GLY B 115 17.13 -16.42 8.41
C GLY B 115 16.21 -16.22 9.60
N ILE B 116 15.74 -14.99 9.73
CA ILE B 116 14.79 -14.72 10.80
C ILE B 116 13.57 -14.08 10.14
N HIS B 117 12.37 -14.54 10.48
CA HIS B 117 11.16 -14.04 9.86
C HIS B 117 10.20 -13.37 10.83
N ILE B 118 9.41 -12.47 10.27
CA ILE B 118 8.14 -12.06 10.90
C ILE B 118 7.08 -12.61 9.98
N ILE B 119 6.08 -13.31 10.51
CA ILE B 119 5.06 -13.91 9.65
C ILE B 119 3.71 -13.34 10.02
N LEU B 120 2.89 -12.98 9.06
CA LEU B 120 1.55 -12.47 9.28
C LEU B 120 0.59 -13.47 8.62
N ARG B 121 -0.28 -14.14 9.35
CA ARG B 121 -1.24 -15.03 8.71
C ARG B 121 -2.42 -14.21 8.23
N THR B 122 -2.68 -14.29 6.93
CA THR B 122 -3.72 -13.46 6.36
C THR B 122 -5.00 -14.24 6.05
N GLU B 123 -4.91 -15.56 5.95
CA GLU B 123 -6.10 -16.36 5.73
C GLU B 123 -5.89 -17.73 6.38
#